data_2YJD
#
_entry.id   2YJD
#
_cell.length_a   102.620
_cell.length_b   102.620
_cell.length_c   102.620
_cell.angle_alpha   90.00
_cell.angle_beta   90.00
_cell.angle_gamma   90.00
#
_symmetry.space_group_name_H-M   'I 4'
#
loop_
_entity.id
_entity.type
_entity.pdbx_description
1 polymer 'ESTROGEN RECEPTOR BETA'
2 polymer 'STAPLED PEPTIDE'
3 non-polymer 4-(2-PROPAN-2-YLOXYBENZIMIDAZOL-1-YL)PHENOL
4 water water
#
loop_
_entity_poly.entity_id
_entity_poly.type
_entity_poly.pdbx_seq_one_letter_code
_entity_poly.pdbx_strand_id
1 'polypeptide(L)'
;DALSPEQLVLTLLEAEPPHVLISRPSAPFTEASMMMSLTKLADKELVHMISWAKKIPGFVELSLFDQVRLLESCWMEVLM
MGLMWRSIDHPGKLIFAPDLVLDRDEGKCVEGILEIFDMLLATTSRFRELKLQHKEYLCVKAMILLNSSMYPLVTATQDA
DSSRKLAHLLNAVTDALVWVIAKSGISSQQQSMRLANLLMLLSHVRHASNKGMEHLLNMKCKNVVPVYDLLLEMLNAHVL
;
A,B
2 'polypeptide(L)' (ACE)H(MK8)ILH(MK8)LLQDS(NH2) C,D
#
# COMPACT_ATOMS: atom_id res chain seq x y z
N LEU A 3 -25.71 -13.08 13.20
CA LEU A 3 -24.35 -12.53 13.14
C LEU A 3 -24.35 -11.17 12.40
N SER A 4 -23.60 -10.18 12.94
CA SER A 4 -23.53 -8.79 12.46
C SER A 4 -22.20 -8.06 12.91
N PRO A 5 -22.02 -6.72 12.71
CA PRO A 5 -20.77 -6.06 13.16
C PRO A 5 -20.35 -6.31 14.62
N GLU A 6 -21.32 -6.25 15.55
CA GLU A 6 -21.14 -6.48 16.99
C GLU A 6 -20.52 -7.85 17.27
N GLN A 7 -21.10 -8.92 16.71
CA GLN A 7 -20.62 -10.29 16.86
C GLN A 7 -19.23 -10.47 16.25
N LEU A 8 -18.96 -9.83 15.10
CA LEU A 8 -17.65 -9.87 14.43
C LEU A 8 -16.55 -9.30 15.36
N VAL A 9 -16.76 -8.05 15.84
CA VAL A 9 -15.87 -7.35 16.78
C VAL A 9 -15.61 -8.19 18.07
N LEU A 10 -16.66 -8.89 18.59
CA LEU A 10 -16.55 -9.75 19.78
C LEU A 10 -15.61 -10.94 19.53
N THR A 11 -15.72 -11.64 18.37
CA THR A 11 -14.81 -12.75 18.09
C THR A 11 -13.37 -12.29 17.79
N LEU A 12 -13.20 -11.11 17.16
CA LEU A 12 -11.86 -10.53 16.91
C LEU A 12 -11.22 -10.13 18.25
N LEU A 13 -12.02 -9.58 19.18
CA LEU A 13 -11.62 -9.22 20.55
C LEU A 13 -11.10 -10.46 21.31
N GLU A 14 -11.74 -11.64 21.10
CA GLU A 14 -11.40 -12.90 21.77
C GLU A 14 -10.42 -13.81 21.00
N ALA A 15 -10.00 -13.40 19.79
CA ALA A 15 -9.07 -14.17 18.94
C ALA A 15 -7.64 -13.62 18.90
N GLU A 16 -7.35 -12.56 19.70
CA GLU A 16 -6.02 -11.94 19.73
C GLU A 16 -4.90 -12.95 20.00
N PRO A 17 -3.83 -12.96 19.16
CA PRO A 17 -2.73 -13.93 19.38
C PRO A 17 -1.97 -13.73 20.69
N PRO A 18 -1.39 -14.80 21.29
CA PRO A 18 -0.61 -14.62 22.53
C PRO A 18 0.60 -13.71 22.30
N HIS A 19 1.01 -12.97 23.34
CA HIS A 19 2.19 -12.12 23.25
C HIS A 19 3.40 -13.04 23.27
N VAL A 20 4.26 -12.91 22.25
CA VAL A 20 5.46 -13.73 22.10
C VAL A 20 6.61 -13.12 22.90
N LEU A 21 7.21 -13.95 23.78
CA LEU A 21 8.35 -13.55 24.61
C LEU A 21 9.60 -14.08 23.95
N ILE A 22 10.62 -13.23 23.84
CA ILE A 22 11.88 -13.56 23.20
C ILE A 22 12.71 -14.68 23.86
N SER A 23 13.20 -14.44 25.10
CA SER A 23 14.04 -15.34 25.91
C SER A 23 15.40 -15.63 25.23
N ARG A 24 16.43 -14.82 25.58
CA ARG A 24 17.79 -14.94 25.02
C ARG A 24 18.92 -14.51 25.99
N PRO A 25 20.05 -15.27 26.07
CA PRO A 25 21.14 -14.88 26.99
C PRO A 25 21.93 -13.68 26.48
N SER A 26 22.16 -12.70 27.38
CA SER A 26 22.83 -11.41 27.18
C SER A 26 24.01 -11.39 26.19
N ALA A 27 23.96 -10.41 25.26
CA ALA A 27 24.94 -10.12 24.20
C ALA A 27 24.60 -8.75 23.55
N PRO A 28 25.58 -7.84 23.32
CA PRO A 28 25.25 -6.54 22.69
C PRO A 28 24.89 -6.70 21.20
N PHE A 29 24.00 -5.83 20.68
CA PHE A 29 23.54 -5.93 19.29
C PHE A 29 24.58 -5.73 18.21
N THR A 30 24.54 -6.62 17.23
CA THR A 30 25.34 -6.67 16.01
C THR A 30 24.31 -6.91 14.87
N GLU A 31 24.71 -6.73 13.60
CA GLU A 31 23.82 -6.93 12.45
C GLU A 31 23.19 -8.33 12.44
N ALA A 32 24.00 -9.37 12.70
CA ALA A 32 23.54 -10.75 12.72
C ALA A 32 22.62 -11.03 13.90
N SER A 33 22.91 -10.48 15.10
CA SER A 33 22.12 -10.71 16.31
C SER A 33 20.75 -10.05 16.30
N MET A 34 20.64 -8.80 15.81
CA MET A 34 19.32 -8.15 15.76
C MET A 34 18.43 -8.86 14.76
N MET A 35 19.02 -9.31 13.64
CA MET A 35 18.34 -10.09 12.61
C MET A 35 17.96 -11.46 13.15
N MET A 36 18.80 -12.04 14.03
CA MET A 36 18.50 -13.31 14.69
C MET A 36 17.28 -13.13 15.60
N SER A 37 17.27 -12.07 16.42
CA SER A 37 16.16 -11.76 17.33
C SER A 37 14.83 -11.52 16.57
N LEU A 38 14.86 -10.71 15.47
CA LEU A 38 13.64 -10.42 14.71
C LEU A 38 13.07 -11.65 14.02
N THR A 39 13.93 -12.46 13.34
CA THR A 39 13.49 -13.67 12.64
C THR A 39 12.92 -14.68 13.62
N LYS A 40 13.57 -14.83 14.81
CA LYS A 40 13.16 -15.73 15.88
C LYS A 40 11.76 -15.34 16.35
N LEU A 41 11.54 -14.05 16.62
CA LEU A 41 10.26 -13.49 17.05
C LEU A 41 9.17 -13.70 15.98
N ALA A 42 9.46 -13.29 14.72
CA ALA A 42 8.53 -13.41 13.59
C ALA A 42 8.09 -14.86 13.36
N ASP A 43 9.02 -15.84 13.43
CA ASP A 43 8.69 -17.27 13.27
C ASP A 43 7.63 -17.74 14.28
N LYS A 44 7.83 -17.45 15.57
CA LYS A 44 6.89 -17.84 16.63
C LYS A 44 5.54 -17.16 16.42
N GLU A 45 5.58 -15.84 16.07
CA GLU A 45 4.39 -15.03 15.84
C GLU A 45 3.56 -15.55 14.66
N LEU A 46 4.23 -16.13 13.64
CA LEU A 46 3.57 -16.68 12.45
C LEU A 46 2.78 -17.95 12.77
N VAL A 47 3.21 -18.72 13.80
CA VAL A 47 2.48 -19.91 14.26
C VAL A 47 1.11 -19.44 14.82
N HIS A 48 1.11 -18.44 15.74
CA HIS A 48 -0.05 -17.83 16.36
C HIS A 48 -0.96 -17.08 15.37
N MET A 49 -0.36 -16.49 14.31
CA MET A 49 -1.11 -15.75 13.27
C MET A 49 -2.06 -16.69 12.52
N ILE A 50 -1.56 -17.89 12.16
CA ILE A 50 -2.34 -18.92 11.47
C ILE A 50 -3.52 -19.33 12.34
N SER A 51 -3.29 -19.52 13.67
CA SER A 51 -4.38 -19.83 14.62
C SER A 51 -5.40 -18.69 14.72
N TRP A 52 -4.90 -17.41 14.80
CA TRP A 52 -5.70 -16.19 14.87
C TRP A 52 -6.68 -16.11 13.67
N ALA A 53 -6.13 -16.26 12.44
CA ALA A 53 -6.83 -16.21 11.15
C ALA A 53 -7.95 -17.25 11.08
N LYS A 54 -7.69 -18.47 11.61
CA LYS A 54 -8.68 -19.56 11.66
C LYS A 54 -9.87 -19.21 12.54
N LYS A 55 -9.69 -18.29 13.50
CA LYS A 55 -10.75 -17.78 14.40
C LYS A 55 -11.53 -16.60 13.79
N ILE A 56 -11.08 -16.03 12.66
CA ILE A 56 -11.85 -14.95 12.03
C ILE A 56 -13.15 -15.56 11.50
N PRO A 57 -14.32 -15.07 11.95
CA PRO A 57 -15.58 -15.71 11.50
C PRO A 57 -15.69 -15.84 10.00
N GLY A 58 -15.79 -17.08 9.55
CA GLY A 58 -15.93 -17.42 8.13
C GLY A 58 -14.65 -17.62 7.34
N PHE A 59 -13.44 -17.37 7.94
CA PHE A 59 -12.14 -17.53 7.24
C PHE A 59 -11.91 -18.98 6.78
N VAL A 60 -12.28 -19.94 7.63
CA VAL A 60 -12.15 -21.38 7.37
C VAL A 60 -13.19 -21.87 6.34
N GLU A 61 -14.17 -21.00 6.02
CA GLU A 61 -15.22 -21.26 5.02
C GLU A 61 -14.77 -20.86 3.60
N LEU A 62 -13.69 -20.05 3.51
CA LEU A 62 -13.10 -19.63 2.25
C LEU A 62 -12.39 -20.82 1.60
N SER A 63 -12.17 -20.76 0.27
CA SER A 63 -11.43 -21.82 -0.42
C SER A 63 -10.02 -21.92 0.20
N LEU A 64 -9.42 -23.13 0.23
CA LEU A 64 -8.09 -23.32 0.81
C LEU A 64 -7.06 -22.50 0.04
N PHE A 65 -7.25 -22.37 -1.29
CA PHE A 65 -6.44 -21.56 -2.18
C PHE A 65 -6.35 -20.13 -1.66
N ASP A 66 -7.50 -19.52 -1.30
CA ASP A 66 -7.59 -18.14 -0.80
C ASP A 66 -6.99 -18.04 0.59
N GLN A 67 -7.32 -18.98 1.51
CA GLN A 67 -6.78 -19.01 2.87
C GLN A 67 -5.24 -18.94 2.85
N VAL A 68 -4.60 -19.83 2.06
CA VAL A 68 -3.14 -19.91 1.90
C VAL A 68 -2.60 -18.63 1.26
N ARG A 69 -3.24 -18.18 0.15
CA ARG A 69 -2.92 -16.97 -0.62
C ARG A 69 -2.92 -15.73 0.28
N LEU A 70 -4.00 -15.52 1.06
CA LEU A 70 -4.14 -14.32 1.91
C LEU A 70 -3.10 -14.25 3.00
N LEU A 71 -2.87 -15.37 3.70
CA LEU A 71 -1.85 -15.46 4.74
C LEU A 71 -0.44 -15.23 4.20
N GLU A 72 -0.09 -15.87 3.07
CA GLU A 72 1.24 -15.74 2.46
C GLU A 72 1.53 -14.35 1.89
N SER A 73 0.49 -13.62 1.49
CA SER A 73 0.64 -12.29 0.92
C SER A 73 0.75 -11.17 1.97
N CYS A 74 0.00 -11.30 3.08
CA CYS A 74 -0.14 -10.29 4.12
C CYS A 74 0.67 -10.50 5.39
N TRP A 75 1.27 -11.69 5.60
CA TRP A 75 1.95 -11.99 6.85
C TRP A 75 2.86 -10.89 7.40
N MET A 76 3.66 -10.20 6.54
CA MET A 76 4.54 -9.13 7.05
C MET A 76 3.72 -7.95 7.52
N GLU A 77 2.70 -7.53 6.72
CA GLU A 77 1.81 -6.40 7.03
C GLU A 77 1.14 -6.62 8.39
N VAL A 78 0.63 -7.85 8.66
CA VAL A 78 0.00 -8.25 9.94
C VAL A 78 1.03 -8.17 11.08
N LEU A 79 2.27 -8.69 10.89
CA LEU A 79 3.32 -8.63 11.94
C LEU A 79 3.63 -7.16 12.28
N MET A 80 3.72 -6.31 11.25
CA MET A 80 4.02 -4.89 11.44
C MET A 80 2.84 -4.14 12.04
N MET A 81 1.60 -4.49 11.64
CA MET A 81 0.40 -3.87 12.25
C MET A 81 0.37 -4.16 13.76
N GLY A 82 0.63 -5.41 14.14
CA GLY A 82 0.70 -5.85 15.53
C GLY A 82 1.75 -5.09 16.31
N LEU A 83 2.92 -4.93 15.71
CA LEU A 83 4.05 -4.22 16.27
C LEU A 83 3.68 -2.75 16.50
N MET A 84 3.10 -2.09 15.47
CA MET A 84 2.70 -0.69 15.54
C MET A 84 1.64 -0.48 16.65
N TRP A 85 0.72 -1.45 16.82
CA TRP A 85 -0.27 -1.35 17.88
C TRP A 85 0.39 -1.49 19.27
N ARG A 86 1.37 -2.38 19.41
CA ARG A 86 2.11 -2.55 20.67
C ARG A 86 2.93 -1.30 21.01
N SER A 87 3.39 -0.58 19.97
CA SER A 87 4.22 0.62 20.09
C SER A 87 3.44 1.94 20.15
N ILE A 88 2.11 1.90 19.95
CA ILE A 88 1.24 3.09 19.91
C ILE A 88 1.48 4.16 21.01
N ASP A 89 1.60 3.74 22.28
CA ASP A 89 1.77 4.67 23.41
C ASP A 89 3.19 4.98 23.81
N HIS A 90 4.19 4.41 23.12
CA HIS A 90 5.61 4.66 23.39
C HIS A 90 6.31 5.39 22.22
N PRO A 91 6.14 6.73 22.08
CA PRO A 91 6.82 7.45 20.98
C PRO A 91 8.33 7.21 20.87
N GLY A 92 8.79 7.03 19.63
CA GLY A 92 10.20 6.82 19.34
C GLY A 92 10.74 5.43 19.63
N LYS A 93 9.86 4.50 20.06
CA LYS A 93 10.24 3.13 20.37
C LYS A 93 9.41 2.09 19.65
N LEU A 94 10.04 0.96 19.36
CA LEU A 94 9.38 -0.19 18.73
C LEU A 94 9.24 -1.34 19.73
N ILE A 95 7.98 -1.63 20.11
CA ILE A 95 7.64 -2.66 21.10
C ILE A 95 7.49 -4.02 20.46
N PHE A 96 8.63 -4.65 20.13
CA PHE A 96 8.67 -5.98 19.53
C PHE A 96 8.20 -7.06 20.48
N ALA A 97 8.61 -6.98 21.75
CA ALA A 97 8.27 -7.90 22.82
C ALA A 97 8.56 -7.16 24.16
N PRO A 98 7.97 -7.58 25.32
CA PRO A 98 8.24 -6.89 26.59
C PRO A 98 9.73 -6.60 26.87
N ASP A 99 10.62 -7.58 26.59
CA ASP A 99 12.06 -7.43 26.82
C ASP A 99 12.82 -7.05 25.58
N LEU A 100 12.10 -6.60 24.53
CA LEU A 100 12.70 -6.24 23.25
C LEU A 100 12.06 -4.94 22.76
N VAL A 101 12.46 -3.85 23.42
CA VAL A 101 11.97 -2.50 23.21
C VAL A 101 13.09 -1.76 22.50
N LEU A 102 12.94 -1.57 21.19
CA LEU A 102 13.97 -0.95 20.40
C LEU A 102 13.79 0.52 20.20
N ASP A 103 14.83 1.30 20.53
CA ASP A 103 14.89 2.73 20.29
C ASP A 103 15.17 2.85 18.79
N ARG A 104 14.80 3.98 18.20
CA ARG A 104 15.04 4.26 16.78
C ARG A 104 16.53 4.08 16.37
N ASP A 105 17.47 4.56 17.23
CA ASP A 105 18.90 4.51 17.00
C ASP A 105 19.55 3.14 16.99
N GLU A 106 18.86 2.14 17.58
CA GLU A 106 19.32 0.75 17.60
C GLU A 106 19.26 0.15 16.19
N GLY A 107 18.44 0.76 15.33
CA GLY A 107 18.29 0.40 13.92
C GLY A 107 19.58 0.51 13.11
N LYS A 108 20.57 1.30 13.57
CA LYS A 108 21.86 1.47 12.89
C LYS A 108 22.75 0.20 12.87
N CYS A 109 22.44 -0.80 13.73
CA CYS A 109 23.15 -2.10 13.80
C CYS A 109 22.99 -2.89 12.49
N VAL A 110 21.77 -2.85 11.91
CA VAL A 110 21.45 -3.53 10.66
C VAL A 110 21.29 -2.51 9.51
N GLU A 111 22.10 -2.67 8.46
CA GLU A 111 22.08 -1.84 7.25
C GLU A 111 20.74 -2.02 6.53
N GLY A 112 20.03 -0.91 6.35
CA GLY A 112 18.73 -0.89 5.69
C GLY A 112 17.54 -1.19 6.58
N ILE A 113 17.77 -1.33 7.91
CA ILE A 113 16.66 -1.57 8.81
C ILE A 113 16.10 -0.25 9.30
N LEU A 114 16.97 0.76 9.48
CA LEU A 114 16.62 2.09 9.97
C LEU A 114 15.49 2.74 9.18
N GLU A 115 15.53 2.64 7.83
CA GLU A 115 14.51 3.18 6.94
C GLU A 115 13.16 2.52 7.22
N ILE A 116 13.14 1.21 7.50
CA ILE A 116 11.93 0.46 7.84
C ILE A 116 11.44 0.84 9.24
N PHE A 117 12.37 1.04 10.20
CA PHE A 117 12.06 1.47 11.57
C PHE A 117 11.39 2.85 11.52
N ASP A 118 11.96 3.78 10.70
CA ASP A 118 11.45 5.15 10.52
C ASP A 118 10.03 5.16 9.95
N MET A 119 9.78 4.34 8.89
CA MET A 119 8.46 4.14 8.26
C MET A 119 7.44 3.71 9.34
N LEU A 120 7.77 2.64 10.10
CA LEU A 120 6.95 2.08 11.18
C LEU A 120 6.66 3.09 12.33
N LEU A 121 7.67 3.86 12.72
CA LEU A 121 7.50 4.88 13.76
C LEU A 121 6.61 6.06 13.33
N ALA A 122 6.79 6.55 12.08
CA ALA A 122 5.97 7.62 11.51
C ALA A 122 4.52 7.13 11.38
N THR A 123 4.31 5.86 10.92
CA THR A 123 2.96 5.27 10.82
C THR A 123 2.36 5.09 12.23
N THR A 124 3.17 4.65 13.21
CA THR A 124 2.70 4.49 14.60
C THR A 124 2.27 5.86 15.15
N SER A 125 3.07 6.90 14.87
CA SER A 125 2.80 8.26 15.32
C SER A 125 1.51 8.79 14.69
N ARG A 126 1.21 8.33 13.45
CA ARG A 126 -0.05 8.72 12.78
C ARG A 126 -1.22 8.01 13.45
N PHE A 127 -1.04 6.72 13.82
CA PHE A 127 -2.10 5.96 14.49
C PHE A 127 -2.38 6.55 15.86
N ARG A 128 -1.30 7.06 16.56
CA ARG A 128 -1.34 7.73 17.87
C ARG A 128 -2.09 9.06 17.75
N GLU A 129 -1.77 9.89 16.71
CA GLU A 129 -2.41 11.17 16.38
C GLU A 129 -3.91 10.98 16.24
N LEU A 130 -4.30 9.94 15.49
CA LEU A 130 -5.69 9.57 15.23
C LEU A 130 -6.39 8.91 16.41
N LYS A 131 -5.65 8.60 17.49
CA LYS A 131 -6.17 7.92 18.70
C LYS A 131 -6.84 6.59 18.32
N LEU A 132 -6.11 5.77 17.54
CA LEU A 132 -6.61 4.45 17.10
C LEU A 132 -7.12 3.65 18.30
N GLN A 133 -8.35 3.14 18.20
CA GLN A 133 -9.03 2.37 19.24
C GLN A 133 -8.79 0.90 19.00
N HIS A 134 -8.74 0.11 20.08
CA HIS A 134 -8.48 -1.34 20.05
C HIS A 134 -9.37 -2.07 19.06
N LYS A 135 -10.67 -1.76 19.07
CA LYS A 135 -11.68 -2.32 18.17
C LYS A 135 -11.48 -1.91 16.70
N GLU A 136 -10.89 -0.72 16.44
CA GLU A 136 -10.61 -0.26 15.07
C GLU A 136 -9.37 -0.99 14.61
N TYR A 137 -8.43 -1.21 15.54
CA TYR A 137 -7.21 -1.95 15.24
C TYR A 137 -7.54 -3.41 14.85
N LEU A 138 -8.48 -4.08 15.57
CA LEU A 138 -8.86 -5.46 15.29
C LEU A 138 -9.46 -5.61 13.88
N CYS A 139 -10.31 -4.65 13.48
CA CYS A 139 -10.93 -4.61 12.15
C CYS A 139 -9.85 -4.32 11.09
N VAL A 140 -8.99 -3.31 11.33
CA VAL A 140 -7.90 -2.95 10.41
C VAL A 140 -6.99 -4.12 10.17
N LYS A 141 -6.55 -4.80 11.24
CA LYS A 141 -5.66 -5.96 11.12
C LYS A 141 -6.30 -7.11 10.31
N ALA A 142 -7.60 -7.35 10.52
CA ALA A 142 -8.36 -8.37 9.75
C ALA A 142 -8.52 -7.93 8.29
N MET A 143 -8.75 -6.62 8.04
CA MET A 143 -8.87 -6.03 6.70
C MET A 143 -7.56 -6.22 5.95
N ILE A 144 -6.42 -6.07 6.65
CA ILE A 144 -5.11 -6.29 6.07
C ILE A 144 -5.00 -7.71 5.49
N LEU A 145 -5.37 -8.70 6.31
CA LEU A 145 -5.36 -10.11 5.93
C LEU A 145 -6.21 -10.36 4.67
N LEU A 146 -7.47 -9.92 4.71
CA LEU A 146 -8.44 -10.11 3.63
C LEU A 146 -8.24 -9.30 2.35
N ASN A 147 -7.64 -8.11 2.44
CA ASN A 147 -7.39 -7.23 1.28
C ASN A 147 -6.02 -7.50 0.62
N SER A 148 -5.27 -8.51 1.10
CA SER A 148 -3.91 -8.81 0.61
C SER A 148 -3.78 -9.44 -0.77
N SER A 149 -4.91 -9.83 -1.38
CA SER A 149 -5.00 -10.45 -2.71
C SER A 149 -4.65 -9.44 -3.81
N SER A 162 -14.03 -19.38 -3.84
CA SER A 162 -15.18 -18.52 -4.10
C SER A 162 -14.84 -17.05 -3.87
N SER A 163 -15.05 -16.23 -4.92
CA SER A 163 -14.78 -14.79 -4.89
C SER A 163 -15.86 -14.07 -4.08
N ARG A 164 -17.12 -14.52 -4.22
CA ARG A 164 -18.29 -13.99 -3.52
C ARG A 164 -18.13 -14.10 -2.00
N LYS A 165 -17.65 -15.27 -1.50
CA LYS A 165 -17.43 -15.49 -0.07
C LYS A 165 -16.39 -14.52 0.49
N LEU A 166 -15.19 -14.45 -0.16
CA LEU A 166 -14.10 -13.55 0.23
C LEU A 166 -14.51 -12.08 0.17
N ALA A 167 -15.14 -11.62 -0.95
CA ALA A 167 -15.63 -10.24 -1.06
C ALA A 167 -16.67 -9.94 0.03
N HIS A 168 -17.52 -10.93 0.39
CA HIS A 168 -18.52 -10.77 1.44
C HIS A 168 -17.87 -10.57 2.82
N LEU A 169 -16.91 -11.45 3.17
CA LEU A 169 -16.15 -11.41 4.42
C LEU A 169 -15.43 -10.07 4.56
N LEU A 170 -14.76 -9.61 3.46
CA LEU A 170 -14.08 -8.31 3.44
C LEU A 170 -15.09 -7.19 3.74
N ASN A 171 -16.28 -7.23 3.09
CA ASN A 171 -17.36 -6.28 3.32
C ASN A 171 -17.87 -6.31 4.76
N ALA A 172 -17.98 -7.53 5.37
CA ALA A 172 -18.40 -7.66 6.76
C ALA A 172 -17.40 -6.95 7.71
N VAL A 173 -16.07 -7.11 7.49
CA VAL A 173 -15.05 -6.43 8.32
C VAL A 173 -15.14 -4.90 8.14
N THR A 174 -15.39 -4.46 6.90
CA THR A 174 -15.54 -3.03 6.54
C THR A 174 -16.73 -2.44 7.29
N ASP A 175 -17.88 -3.19 7.29
CA ASP A 175 -19.13 -2.89 8.00
C ASP A 175 -18.89 -2.81 9.49
N ALA A 176 -18.07 -3.73 10.04
CA ALA A 176 -17.72 -3.77 11.46
C ALA A 176 -16.92 -2.53 11.83
N LEU A 177 -15.95 -2.14 11.00
CA LEU A 177 -15.13 -0.93 11.22
C LEU A 177 -15.99 0.36 11.18
N VAL A 178 -16.90 0.47 10.19
CA VAL A 178 -17.83 1.61 10.03
C VAL A 178 -18.71 1.73 11.30
N TRP A 179 -19.20 0.58 11.80
CA TRP A 179 -20.00 0.43 13.04
C TRP A 179 -19.23 0.94 14.27
N VAL A 180 -17.93 0.57 14.39
CA VAL A 180 -17.07 1.00 15.51
C VAL A 180 -16.91 2.52 15.48
N ILE A 181 -16.61 3.09 14.30
CA ILE A 181 -16.45 4.53 14.12
C ILE A 181 -17.76 5.24 14.49
N ALA A 182 -18.92 4.63 14.13
CA ALA A 182 -20.26 5.12 14.45
C ALA A 182 -20.53 5.12 15.98
N LYS A 183 -19.87 4.23 16.75
CA LYS A 183 -20.01 4.13 18.20
C LYS A 183 -19.62 5.41 18.97
N SER A 184 -18.78 6.28 18.36
CA SER A 184 -18.44 7.58 18.95
C SER A 184 -19.57 8.57 18.59
N GLY A 185 -19.61 9.71 19.26
CA GLY A 185 -20.65 10.71 19.00
C GLY A 185 -20.35 11.64 17.83
N ILE A 186 -19.28 11.32 17.04
CA ILE A 186 -18.82 12.13 15.91
C ILE A 186 -19.80 12.26 14.74
N SER A 187 -19.68 13.35 13.97
CA SER A 187 -20.51 13.70 12.82
C SER A 187 -20.30 12.76 11.63
N SER A 188 -21.28 12.75 10.71
CA SER A 188 -21.28 11.95 9.49
C SER A 188 -20.05 12.25 8.61
N GLN A 189 -19.69 13.55 8.45
CA GLN A 189 -18.52 13.97 7.68
C GLN A 189 -17.25 13.46 8.38
N GLN A 190 -17.22 13.52 9.73
CA GLN A 190 -16.12 13.04 10.55
C GLN A 190 -16.01 11.50 10.59
N GLN A 191 -17.13 10.78 10.38
CA GLN A 191 -17.14 9.32 10.30
C GLN A 191 -16.45 8.86 9.01
N SER A 192 -16.80 9.50 7.88
CA SER A 192 -16.23 9.27 6.56
C SER A 192 -14.73 9.59 6.58
N MET A 193 -14.36 10.80 7.08
CA MET A 193 -12.98 11.26 7.17
C MET A 193 -12.09 10.31 7.99
N ARG A 194 -12.59 9.84 9.17
CA ARG A 194 -11.86 8.87 10.00
C ARG A 194 -11.68 7.58 9.20
N LEU A 195 -12.78 7.07 8.56
CA LEU A 195 -12.73 5.87 7.72
C LEU A 195 -11.67 6.04 6.63
N ALA A 196 -11.63 7.24 6.00
CA ALA A 196 -10.65 7.61 4.98
C ALA A 196 -9.22 7.70 5.53
N ASN A 197 -9.04 8.35 6.70
CA ASN A 197 -7.71 8.47 7.30
C ASN A 197 -7.15 7.12 7.69
N LEU A 198 -8.01 6.22 8.22
CA LEU A 198 -7.58 4.88 8.63
C LEU A 198 -7.17 4.00 7.45
N LEU A 199 -8.00 3.99 6.37
CA LEU A 199 -7.76 3.17 5.19
C LEU A 199 -6.66 3.64 4.28
N MET A 200 -6.33 4.94 4.30
CA MET A 200 -5.21 5.48 3.54
C MET A 200 -3.90 4.98 4.15
N LEU A 201 -3.91 4.72 5.49
CA LEU A 201 -2.79 4.15 6.23
C LEU A 201 -2.48 2.71 5.84
N LEU A 202 -3.48 1.97 5.25
CA LEU A 202 -3.27 0.61 4.72
C LEU A 202 -2.11 0.64 3.68
N SER A 203 -2.06 1.68 2.81
CA SER A 203 -1.00 1.87 1.83
C SER A 203 0.39 1.94 2.47
N HIS A 204 0.49 2.61 3.65
CA HIS A 204 1.73 2.79 4.42
C HIS A 204 2.21 1.47 5.01
N VAL A 205 1.28 0.66 5.55
CA VAL A 205 1.54 -0.67 6.10
C VAL A 205 2.07 -1.57 4.96
N ARG A 206 1.49 -1.46 3.73
CA ARG A 206 1.97 -2.25 2.57
C ARG A 206 3.39 -1.83 2.17
N HIS A 207 3.67 -0.52 2.15
CA HIS A 207 5.01 0.02 1.82
C HIS A 207 6.03 -0.56 2.78
N ALA A 208 5.73 -0.48 4.09
CA ALA A 208 6.62 -0.98 5.14
C ALA A 208 6.84 -2.49 5.06
N SER A 209 5.80 -3.26 4.68
CA SER A 209 5.92 -4.72 4.54
C SER A 209 6.76 -5.09 3.35
N ASN A 210 6.54 -4.39 2.21
CA ASN A 210 7.32 -4.61 0.99
C ASN A 210 8.77 -4.31 1.26
N LYS A 211 9.07 -3.19 1.93
CA LYS A 211 10.46 -2.86 2.27
C LYS A 211 11.04 -3.93 3.20
N GLY A 212 10.19 -4.44 4.11
CA GLY A 212 10.52 -5.50 5.07
C GLY A 212 10.85 -6.83 4.42
N MET A 213 10.07 -7.25 3.39
CA MET A 213 10.29 -8.49 2.63
C MET A 213 11.60 -8.41 1.86
N GLU A 214 11.80 -7.29 1.13
CA GLU A 214 12.98 -6.96 0.31
C GLU A 214 14.26 -7.06 1.18
N HIS A 215 14.25 -6.44 2.39
CA HIS A 215 15.34 -6.47 3.37
C HIS A 215 15.64 -7.90 3.85
N LEU A 216 14.59 -8.67 4.19
CA LEU A 216 14.70 -10.06 4.63
C LEU A 216 15.28 -10.95 3.53
N LEU A 217 14.89 -10.73 2.27
CA LEU A 217 15.42 -11.49 1.12
C LEU A 217 16.90 -11.19 0.91
N ASN A 218 17.29 -9.91 1.14
CA ASN A 218 18.66 -9.41 1.03
C ASN A 218 19.53 -10.07 2.10
N MET A 219 19.07 -10.06 3.38
CA MET A 219 19.76 -10.68 4.52
C MET A 219 19.95 -12.19 4.32
N LYS A 220 18.97 -12.85 3.66
CA LYS A 220 18.99 -14.28 3.34
C LYS A 220 20.05 -14.56 2.26
N CYS A 221 20.19 -13.65 1.27
CA CYS A 221 21.18 -13.77 0.18
C CYS A 221 22.58 -13.26 0.57
N LYS A 222 22.67 -12.40 1.62
CA LYS A 222 23.93 -11.87 2.14
C LYS A 222 24.42 -12.67 3.36
N ASN A 223 23.81 -13.85 3.61
CA ASN A 223 24.13 -14.83 4.66
C ASN A 223 24.23 -14.30 6.10
N VAL A 224 23.51 -13.19 6.38
CA VAL A 224 23.47 -12.54 7.68
C VAL A 224 22.73 -13.41 8.72
N VAL A 225 21.63 -14.10 8.31
CA VAL A 225 20.82 -14.95 9.21
C VAL A 225 20.18 -16.17 8.54
N PRO A 226 20.17 -17.35 9.21
CA PRO A 226 19.44 -18.49 8.65
C PRO A 226 17.94 -18.25 8.87
N VAL A 227 17.12 -18.47 7.83
CA VAL A 227 15.68 -18.24 7.91
C VAL A 227 14.85 -19.43 8.39
N TYR A 228 14.30 -19.28 9.61
CA TYR A 228 13.48 -20.23 10.39
C TYR A 228 12.35 -20.93 9.61
N ASP A 229 12.02 -22.19 10.02
CA ASP A 229 10.99 -23.11 9.47
C ASP A 229 9.79 -22.49 8.75
N LEU A 230 8.77 -21.99 9.49
CA LEU A 230 7.55 -21.36 8.94
C LEU A 230 7.89 -20.05 8.25
N LEU A 231 8.81 -19.25 8.84
CA LEU A 231 9.22 -17.97 8.27
C LEU A 231 9.82 -18.20 6.86
N LEU A 232 10.56 -19.28 6.67
CA LEU A 232 11.11 -19.65 5.37
C LEU A 232 9.97 -20.04 4.43
N GLU A 233 8.95 -20.79 4.94
CA GLU A 233 7.78 -21.20 4.15
C GLU A 233 7.01 -19.98 3.65
N MET A 234 6.86 -18.96 4.52
CA MET A 234 6.15 -17.70 4.27
C MET A 234 6.91 -16.80 3.32
N LEU A 235 8.22 -16.71 3.52
CA LEU A 235 9.13 -15.91 2.71
C LEU A 235 9.25 -16.48 1.30
N ASN A 236 9.26 -17.84 1.17
CA ASN A 236 9.41 -18.53 -0.11
C ASN A 236 8.24 -18.43 -1.08
N ALA A 237 7.00 -18.40 -0.54
CA ALA A 237 5.80 -18.33 -1.37
C ALA A 237 5.10 -16.99 -1.27
N LEU B 3 -13.26 26.74 -1.44
CA LEU B 3 -13.50 25.96 -2.65
C LEU B 3 -14.38 24.77 -2.29
N SER B 4 -15.60 24.71 -2.85
CA SER B 4 -16.53 23.62 -2.57
C SER B 4 -15.99 22.28 -3.18
N PRO B 5 -16.52 21.08 -2.81
CA PRO B 5 -16.00 19.84 -3.44
C PRO B 5 -16.13 19.77 -4.96
N GLU B 6 -17.23 20.32 -5.53
CA GLU B 6 -17.46 20.40 -6.98
C GLU B 6 -16.37 21.25 -7.63
N GLN B 7 -16.08 22.42 -7.03
CA GLN B 7 -15.07 23.38 -7.45
C GLN B 7 -13.67 22.75 -7.41
N LEU B 8 -13.36 21.99 -6.34
CA LEU B 8 -12.07 21.30 -6.26
C LEU B 8 -11.94 20.19 -7.34
N VAL B 9 -13.02 19.44 -7.61
CA VAL B 9 -13.07 18.39 -8.63
C VAL B 9 -12.78 19.03 -10.01
N LEU B 10 -13.39 20.20 -10.27
CA LEU B 10 -13.20 20.98 -11.49
C LEU B 10 -11.75 21.43 -11.65
N THR B 11 -11.09 21.90 -10.57
CA THR B 11 -9.67 22.32 -10.64
C THR B 11 -8.77 21.12 -10.99
N LEU B 12 -9.15 19.91 -10.55
CA LEU B 12 -8.39 18.67 -10.84
C LEU B 12 -8.62 18.25 -12.28
N LEU B 13 -9.86 18.36 -12.76
CA LEU B 13 -10.21 18.11 -14.14
C LEU B 13 -9.34 19.01 -15.05
N GLU B 14 -9.25 20.31 -14.72
CA GLU B 14 -8.46 21.28 -15.48
C GLU B 14 -6.94 21.08 -15.36
N ALA B 15 -6.45 20.52 -14.21
CA ALA B 15 -5.03 20.22 -14.00
C ALA B 15 -4.56 18.99 -14.80
N GLU B 16 -5.50 18.13 -15.24
CA GLU B 16 -5.21 16.89 -15.98
C GLU B 16 -4.09 16.96 -17.01
N PRO B 17 -3.01 16.17 -16.82
CA PRO B 17 -1.89 16.23 -17.78
C PRO B 17 -2.30 15.83 -19.20
N PRO B 18 -1.60 16.32 -20.26
CA PRO B 18 -1.95 15.85 -21.60
C PRO B 18 -1.48 14.41 -21.80
N HIS B 19 -2.22 13.63 -22.61
CA HIS B 19 -1.89 12.24 -22.92
C HIS B 19 -0.61 12.16 -23.76
N VAL B 20 0.36 11.34 -23.31
CA VAL B 20 1.66 11.13 -23.97
C VAL B 20 1.54 10.06 -25.06
N LEU B 21 2.03 10.42 -26.26
CA LEU B 21 2.10 9.54 -27.41
C LEU B 21 3.53 8.99 -27.38
N ILE B 22 3.67 7.68 -27.51
CA ILE B 22 4.96 6.99 -27.37
C ILE B 22 6.07 7.35 -28.35
N SER B 23 5.76 7.44 -29.67
CA SER B 23 6.68 7.71 -30.79
C SER B 23 7.72 6.60 -30.96
N ARG B 24 7.64 5.83 -32.07
CA ARG B 24 8.55 4.72 -32.35
C ARG B 24 8.76 4.38 -33.84
N PRO B 25 10.01 4.04 -34.27
CA PRO B 25 10.22 3.65 -35.67
C PRO B 25 10.06 2.13 -35.87
N SER B 26 8.85 1.61 -35.56
CA SER B 26 8.44 0.20 -35.66
C SER B 26 9.19 -0.78 -34.70
N ALA B 27 9.76 -1.92 -35.23
CA ALA B 27 10.52 -2.98 -34.54
C ALA B 27 9.75 -3.85 -33.49
N PRO B 28 9.89 -5.21 -33.52
CA PRO B 28 9.18 -6.06 -32.53
C PRO B 28 9.70 -5.99 -31.09
N PHE B 29 9.03 -6.72 -30.13
CA PHE B 29 9.36 -6.69 -28.70
C PHE B 29 10.35 -7.69 -28.09
N THR B 30 11.44 -7.14 -27.55
CA THR B 30 12.49 -7.85 -26.81
C THR B 30 12.53 -7.19 -25.42
N GLU B 31 13.16 -7.85 -24.42
CA GLU B 31 13.25 -7.29 -23.06
C GLU B 31 13.83 -5.88 -23.02
N ALA B 32 14.83 -5.58 -23.86
CA ALA B 32 15.47 -4.26 -23.97
C ALA B 32 14.56 -3.24 -24.65
N SER B 33 13.86 -3.63 -25.73
CA SER B 33 12.97 -2.75 -26.51
C SER B 33 11.74 -2.33 -25.73
N MET B 34 11.14 -3.26 -24.96
CA MET B 34 9.96 -2.98 -24.14
C MET B 34 10.34 -2.06 -23.01
N MET B 35 11.44 -2.35 -22.30
CA MET B 35 11.94 -1.49 -21.22
C MET B 35 12.26 -0.09 -21.75
N MET B 36 12.81 0.00 -22.97
CA MET B 36 13.11 1.26 -23.64
C MET B 36 11.83 2.11 -23.82
N SER B 37 10.76 1.49 -24.36
CA SER B 37 9.48 2.16 -24.62
C SER B 37 8.79 2.67 -23.37
N LEU B 38 8.83 1.87 -22.28
CA LEU B 38 8.25 2.17 -20.96
C LEU B 38 8.98 3.33 -20.25
N THR B 39 10.33 3.31 -20.26
CA THR B 39 11.15 4.36 -19.65
C THR B 39 10.98 5.66 -20.45
N LYS B 40 10.84 5.55 -21.81
CA LYS B 40 10.62 6.72 -22.69
C LYS B 40 9.26 7.36 -22.38
N LEU B 41 8.21 6.53 -22.23
CA LEU B 41 6.86 6.98 -21.88
C LEU B 41 6.86 7.64 -20.48
N ALA B 42 7.40 6.94 -19.45
CA ALA B 42 7.42 7.41 -18.07
C ALA B 42 8.13 8.76 -17.91
N ASP B 43 9.32 8.94 -18.56
CA ASP B 43 10.09 10.19 -18.52
C ASP B 43 9.26 11.40 -18.96
N LYS B 44 8.56 11.29 -20.12
CA LYS B 44 7.68 12.34 -20.67
C LYS B 44 6.50 12.62 -19.71
N GLU B 45 5.91 11.55 -19.16
CA GLU B 45 4.79 11.61 -18.21
C GLU B 45 5.19 12.31 -16.90
N LEU B 46 6.44 12.06 -16.41
CA LEU B 46 6.93 12.68 -15.18
C LEU B 46 7.04 14.19 -15.30
N VAL B 47 7.53 14.66 -16.46
CA VAL B 47 7.65 16.10 -16.82
C VAL B 47 6.25 16.74 -16.63
N HIS B 48 5.19 16.15 -17.22
CA HIS B 48 3.80 16.62 -17.09
C HIS B 48 3.21 16.44 -15.67
N MET B 49 3.61 15.37 -14.95
CA MET B 49 3.10 15.11 -13.58
C MET B 49 3.46 16.24 -12.63
N ILE B 50 4.70 16.75 -12.74
CA ILE B 50 5.21 17.86 -11.92
C ILE B 50 4.37 19.12 -12.21
N SER B 51 3.98 19.36 -13.48
CA SER B 51 3.12 20.47 -13.89
C SER B 51 1.70 20.31 -13.35
N TRP B 52 1.19 19.06 -13.30
CA TRP B 52 -0.15 18.71 -12.82
C TRP B 52 -0.27 19.00 -11.33
N ALA B 53 0.70 18.49 -10.54
CA ALA B 53 0.79 18.69 -9.09
C ALA B 53 0.74 20.19 -8.76
N LYS B 54 1.52 20.99 -9.51
CA LYS B 54 1.60 22.46 -9.39
C LYS B 54 0.23 23.12 -9.56
N LYS B 55 -0.62 22.52 -10.40
CA LYS B 55 -1.98 22.98 -10.68
C LYS B 55 -3.01 22.58 -9.63
N ILE B 56 -2.62 21.73 -8.64
CA ILE B 56 -3.52 21.34 -7.55
C ILE B 56 -3.55 22.47 -6.52
N PRO B 57 -4.75 23.06 -6.24
CA PRO B 57 -4.82 24.19 -5.29
C PRO B 57 -4.23 23.90 -3.92
N GLY B 58 -3.19 24.66 -3.56
CA GLY B 58 -2.52 24.55 -2.27
C GLY B 58 -1.19 23.80 -2.27
N PHE B 59 -0.91 23.03 -3.35
CA PHE B 59 0.31 22.24 -3.47
C PHE B 59 1.54 23.14 -3.49
N VAL B 60 1.47 24.28 -4.19
CA VAL B 60 2.57 25.27 -4.25
C VAL B 60 2.74 26.04 -2.91
N GLU B 61 1.68 26.05 -2.07
CA GLU B 61 1.71 26.65 -0.74
C GLU B 61 2.47 25.77 0.27
N LEU B 62 2.64 24.46 -0.03
CA LEU B 62 3.40 23.52 0.79
C LEU B 62 4.88 23.89 0.73
N SER B 63 5.69 23.40 1.69
CA SER B 63 7.12 23.68 1.67
C SER B 63 7.75 22.92 0.53
N LEU B 64 8.86 23.45 -0.06
CA LEU B 64 9.59 22.81 -1.15
C LEU B 64 9.95 21.38 -0.76
N PHE B 65 10.40 21.19 0.50
CA PHE B 65 10.72 19.89 1.06
C PHE B 65 9.51 18.94 0.87
N ASP B 66 8.31 19.39 1.28
CA ASP B 66 7.06 18.62 1.17
C ASP B 66 6.66 18.38 -0.27
N GLN B 67 6.81 19.39 -1.16
CA GLN B 67 6.44 19.28 -2.59
C GLN B 67 7.31 18.23 -3.26
N VAL B 68 8.62 18.25 -2.97
CA VAL B 68 9.61 17.31 -3.50
C VAL B 68 9.33 15.91 -2.92
N ARG B 69 9.11 15.83 -1.58
CA ARG B 69 8.81 14.59 -0.83
C ARG B 69 7.66 13.81 -1.50
N LEU B 70 6.47 14.46 -1.63
CA LEU B 70 5.26 13.86 -2.21
C LEU B 70 5.43 13.37 -3.63
N LEU B 71 6.05 14.17 -4.51
CA LEU B 71 6.28 13.73 -5.89
C LEU B 71 7.28 12.59 -6.02
N GLU B 72 8.42 12.66 -5.28
CA GLU B 72 9.43 11.60 -5.32
C GLU B 72 8.92 10.28 -4.73
N SER B 73 8.04 10.32 -3.72
CA SER B 73 7.55 9.07 -3.16
C SER B 73 6.43 8.41 -3.97
N CYS B 74 5.55 9.22 -4.57
CA CYS B 74 4.36 8.72 -5.24
C CYS B 74 4.38 8.59 -6.75
N TRP B 75 5.42 9.07 -7.45
CA TRP B 75 5.43 9.11 -8.92
C TRP B 75 5.03 7.83 -9.64
N MET B 76 5.62 6.69 -9.27
CA MET B 76 5.31 5.40 -9.91
C MET B 76 3.84 5.04 -9.68
N GLU B 77 3.32 5.27 -8.45
CA GLU B 77 1.93 5.04 -8.06
C GLU B 77 0.96 5.91 -8.91
N VAL B 78 1.32 7.21 -9.10
CA VAL B 78 0.52 8.15 -9.92
C VAL B 78 0.52 7.66 -11.38
N LEU B 79 1.68 7.19 -11.90
CA LEU B 79 1.78 6.67 -13.28
C LEU B 79 0.91 5.45 -13.47
N MET B 80 0.97 4.50 -12.54
CA MET B 80 0.19 3.28 -12.65
C MET B 80 -1.29 3.51 -12.52
N MET B 81 -1.71 4.49 -11.68
CA MET B 81 -3.14 4.87 -11.57
C MET B 81 -3.65 5.36 -12.94
N GLY B 82 -2.89 6.27 -13.57
CA GLY B 82 -3.19 6.80 -14.91
C GLY B 82 -3.27 5.64 -15.89
N LEU B 83 -2.31 4.71 -15.81
CA LEU B 83 -2.28 3.52 -16.65
C LEU B 83 -3.56 2.67 -16.46
N MET B 84 -3.92 2.38 -15.21
CA MET B 84 -5.10 1.62 -14.84
C MET B 84 -6.38 2.27 -15.36
N TRP B 85 -6.49 3.60 -15.21
CA TRP B 85 -7.62 4.41 -15.67
C TRP B 85 -7.79 4.32 -17.19
N ARG B 86 -6.67 4.42 -17.94
CA ARG B 86 -6.64 4.32 -19.41
C ARG B 86 -7.02 2.92 -19.93
N SER B 87 -6.88 1.88 -19.08
CA SER B 87 -7.10 0.46 -19.41
C SER B 87 -8.45 -0.11 -18.95
N ILE B 88 -9.21 0.70 -18.17
CA ILE B 88 -10.46 0.29 -17.53
C ILE B 88 -11.52 -0.32 -18.49
N ASP B 89 -11.69 0.27 -19.67
CA ASP B 89 -12.62 -0.18 -20.70
C ASP B 89 -11.95 -1.13 -21.70
N HIS B 90 -10.80 -1.72 -21.31
CA HIS B 90 -10.05 -2.64 -22.18
C HIS B 90 -9.66 -3.92 -21.45
N PRO B 91 -10.62 -4.82 -21.14
CA PRO B 91 -10.25 -6.08 -20.44
C PRO B 91 -9.08 -6.85 -21.05
N GLY B 92 -8.15 -7.25 -20.19
CA GLY B 92 -6.94 -7.99 -20.52
C GLY B 92 -5.87 -7.21 -21.26
N LYS B 93 -6.00 -5.89 -21.31
CA LYS B 93 -5.00 -5.05 -21.99
C LYS B 93 -4.53 -3.93 -21.10
N LEU B 94 -3.29 -3.50 -21.31
CA LEU B 94 -2.67 -2.36 -20.61
C LEU B 94 -2.42 -1.25 -21.64
N ILE B 95 -3.21 -0.18 -21.53
CA ILE B 95 -3.17 0.97 -22.45
C ILE B 95 -2.14 1.99 -22.00
N PHE B 96 -0.85 1.72 -22.31
CA PHE B 96 0.27 2.61 -21.98
C PHE B 96 0.12 3.92 -22.71
N ALA B 97 -0.20 3.83 -24.01
CA ALA B 97 -0.44 4.97 -24.90
C ALA B 97 -1.44 4.53 -25.98
N PRO B 98 -2.21 5.44 -26.66
CA PRO B 98 -3.12 4.98 -27.74
C PRO B 98 -2.44 4.05 -28.76
N ASP B 99 -1.13 4.24 -28.98
CA ASP B 99 -0.32 3.48 -29.93
C ASP B 99 0.59 2.42 -29.26
N LEU B 100 0.38 2.16 -27.96
CA LEU B 100 1.17 1.16 -27.21
C LEU B 100 0.25 0.38 -26.26
N VAL B 101 -0.42 -0.65 -26.82
CA VAL B 101 -1.37 -1.51 -26.12
C VAL B 101 -0.71 -2.89 -25.87
N LEU B 102 -0.38 -3.17 -24.60
CA LEU B 102 0.23 -4.45 -24.20
C LEU B 102 -0.76 -5.41 -23.61
N ASP B 103 -0.62 -6.69 -24.00
CA ASP B 103 -1.42 -7.84 -23.55
C ASP B 103 -0.68 -8.45 -22.34
N ARG B 104 -1.38 -9.30 -21.57
CA ARG B 104 -0.82 -10.00 -20.41
C ARG B 104 0.33 -10.91 -20.85
N ASP B 105 0.09 -11.70 -21.93
CA ASP B 105 1.05 -12.64 -22.54
C ASP B 105 2.30 -11.94 -23.10
N GLU B 106 2.21 -10.62 -23.40
CA GLU B 106 3.34 -9.82 -23.89
C GLU B 106 4.35 -9.52 -22.76
N GLY B 107 3.90 -9.58 -21.50
CA GLY B 107 4.72 -9.39 -20.32
C GLY B 107 5.70 -10.52 -20.06
N LYS B 108 5.59 -11.62 -20.83
CA LYS B 108 6.50 -12.76 -20.74
C LYS B 108 7.87 -12.41 -21.39
N CYS B 109 7.92 -11.24 -22.11
CA CYS B 109 9.11 -10.67 -22.76
C CYS B 109 10.18 -10.36 -21.69
N VAL B 110 9.90 -9.33 -20.84
CA VAL B 110 10.78 -8.88 -19.78
C VAL B 110 10.56 -9.71 -18.50
N GLU B 111 11.65 -10.30 -17.98
CA GLU B 111 11.60 -11.13 -16.77
C GLU B 111 11.38 -10.20 -15.57
N GLY B 112 10.33 -10.47 -14.82
CA GLY B 112 9.92 -9.67 -13.69
C GLY B 112 8.74 -8.75 -14.00
N ILE B 113 8.49 -8.46 -15.30
CA ILE B 113 7.36 -7.58 -15.68
C ILE B 113 5.98 -8.25 -15.63
N LEU B 114 5.94 -9.58 -15.93
CA LEU B 114 4.70 -10.35 -15.91
C LEU B 114 3.92 -10.22 -14.61
N GLU B 115 4.61 -10.33 -13.46
CA GLU B 115 4.00 -10.21 -12.13
C GLU B 115 3.31 -8.85 -11.97
N ILE B 116 3.99 -7.77 -12.40
CA ILE B 116 3.48 -6.40 -12.32
C ILE B 116 2.25 -6.22 -13.22
N PHE B 117 2.33 -6.73 -14.47
CA PHE B 117 1.24 -6.70 -15.46
C PHE B 117 -0.01 -7.34 -14.88
N ASP B 118 0.14 -8.52 -14.24
CA ASP B 118 -0.95 -9.29 -13.59
C ASP B 118 -1.61 -8.50 -12.46
N MET B 119 -0.79 -7.88 -11.59
CA MET B 119 -1.21 -7.02 -10.47
C MET B 119 -2.07 -5.86 -10.99
N LEU B 120 -1.51 -5.08 -11.94
CA LEU B 120 -2.19 -3.93 -12.56
C LEU B 120 -3.47 -4.35 -13.26
N LEU B 121 -3.42 -5.50 -13.98
CA LEU B 121 -4.61 -6.01 -14.68
C LEU B 121 -5.70 -6.41 -13.70
N ALA B 122 -5.33 -7.06 -12.57
CA ALA B 122 -6.26 -7.46 -11.50
C ALA B 122 -6.87 -6.23 -10.84
N THR B 123 -6.05 -5.21 -10.53
CA THR B 123 -6.53 -3.97 -9.93
C THR B 123 -7.42 -3.18 -10.89
N THR B 124 -7.05 -3.10 -12.17
CA THR B 124 -7.89 -2.45 -13.19
C THR B 124 -9.25 -3.15 -13.25
N SER B 125 -9.25 -4.49 -13.23
CA SER B 125 -10.48 -5.28 -13.24
C SER B 125 -11.32 -4.98 -12.01
N ARG B 126 -10.67 -4.72 -10.83
CA ARG B 126 -11.41 -4.35 -9.62
C ARG B 126 -12.03 -2.95 -9.78
N PHE B 127 -11.30 -1.99 -10.41
CA PHE B 127 -11.82 -0.65 -10.68
C PHE B 127 -12.98 -0.71 -11.72
N ARG B 128 -12.87 -1.65 -12.69
CA ARG B 128 -13.87 -1.95 -13.74
C ARG B 128 -15.16 -2.47 -13.08
N GLU B 129 -15.00 -3.46 -12.16
CA GLU B 129 -16.06 -4.06 -11.33
C GLU B 129 -16.83 -2.98 -10.54
N LEU B 130 -16.07 -2.10 -9.86
CA LEU B 130 -16.63 -1.00 -9.07
C LEU B 130 -17.25 0.11 -9.94
N LYS B 131 -16.90 0.14 -11.23
CA LYS B 131 -17.36 1.14 -12.22
C LYS B 131 -16.85 2.51 -11.77
N LEU B 132 -15.53 2.57 -11.52
CA LEU B 132 -14.82 3.80 -11.15
C LEU B 132 -15.20 4.89 -12.17
N GLN B 133 -15.62 6.05 -11.67
CA GLN B 133 -16.06 7.22 -12.46
C GLN B 133 -14.88 8.17 -12.64
N HIS B 134 -14.84 8.93 -13.75
CA HIS B 134 -13.76 9.87 -14.02
C HIS B 134 -13.43 10.81 -12.83
N LYS B 135 -14.47 11.39 -12.20
CA LYS B 135 -14.31 12.27 -11.02
C LYS B 135 -13.76 11.53 -9.78
N GLU B 136 -14.03 10.21 -9.64
CA GLU B 136 -13.49 9.40 -8.54
C GLU B 136 -12.00 9.19 -8.78
N TYR B 137 -11.64 8.90 -10.06
CA TYR B 137 -10.28 8.73 -10.53
C TYR B 137 -9.47 10.01 -10.22
N LEU B 138 -10.05 11.21 -10.54
CA LEU B 138 -9.42 12.50 -10.27
C LEU B 138 -9.03 12.66 -8.80
N CYS B 139 -9.96 12.35 -7.88
CA CYS B 139 -9.74 12.45 -6.43
C CYS B 139 -8.74 11.41 -5.95
N VAL B 140 -8.94 10.13 -6.34
CA VAL B 140 -8.05 9.02 -5.98
C VAL B 140 -6.60 9.29 -6.39
N LYS B 141 -6.35 9.69 -7.65
CA LYS B 141 -5.00 10.04 -8.11
C LYS B 141 -4.33 11.16 -7.28
N ALA B 142 -5.06 12.24 -6.99
CA ALA B 142 -4.53 13.36 -6.20
C ALA B 142 -4.26 12.90 -4.75
N MET B 143 -5.12 12.02 -4.21
CA MET B 143 -4.94 11.42 -2.88
C MET B 143 -3.67 10.59 -2.84
N ILE B 144 -3.34 9.81 -3.93
CA ILE B 144 -2.10 9.03 -4.07
C ILE B 144 -0.87 9.97 -3.89
N LEU B 145 -0.88 11.13 -4.59
CA LEU B 145 0.17 12.13 -4.45
C LEU B 145 0.33 12.61 -3.00
N LEU B 146 -0.79 12.99 -2.37
CA LEU B 146 -0.79 13.58 -1.05
C LEU B 146 -0.62 12.60 0.10
N ASN B 147 -1.05 11.33 -0.08
CA ASN B 147 -0.97 10.28 0.94
C ASN B 147 0.38 9.55 0.96
N SER B 148 1.31 9.90 0.08
CA SER B 148 2.64 9.31 0.04
C SER B 148 3.53 9.94 1.13
N SER B 149 3.03 9.93 2.38
CA SER B 149 3.68 10.50 3.57
C SER B 149 3.96 9.43 4.63
N SER B 162 4.04 23.42 5.34
CA SER B 162 3.85 22.76 6.62
C SER B 162 2.88 21.56 6.55
N SER B 163 2.84 20.73 7.62
CA SER B 163 2.00 19.53 7.75
C SER B 163 0.51 19.88 7.90
N ARG B 164 0.20 21.10 8.38
CA ARG B 164 -1.16 21.61 8.57
C ARG B 164 -1.79 21.88 7.21
N LYS B 165 -1.00 22.45 6.27
CA LYS B 165 -1.42 22.72 4.89
C LYS B 165 -1.62 21.38 4.15
N LEU B 166 -0.76 20.37 4.41
CA LEU B 166 -0.87 19.05 3.78
C LEU B 166 -2.10 18.28 4.29
N ALA B 167 -2.31 18.28 5.63
CA ALA B 167 -3.46 17.63 6.26
C ALA B 167 -4.75 18.27 5.76
N HIS B 168 -4.72 19.60 5.51
CA HIS B 168 -5.83 20.36 4.98
C HIS B 168 -6.14 19.95 3.53
N LEU B 169 -5.12 19.99 2.65
CA LEU B 169 -5.24 19.62 1.23
C LEU B 169 -5.68 18.14 1.09
N LEU B 170 -5.11 17.22 1.89
CA LEU B 170 -5.51 15.80 1.88
C LEU B 170 -6.98 15.64 2.32
N ASN B 171 -7.39 16.41 3.33
CA ASN B 171 -8.77 16.42 3.84
C ASN B 171 -9.76 16.92 2.78
N ALA B 172 -9.39 18.02 2.06
CA ALA B 172 -10.19 18.64 1.00
C ALA B 172 -10.40 17.67 -0.15
N VAL B 173 -9.32 17.00 -0.64
CA VAL B 173 -9.44 15.98 -1.70
C VAL B 173 -10.33 14.82 -1.23
N THR B 174 -10.20 14.40 0.05
CA THR B 174 -11.01 13.32 0.63
C THR B 174 -12.47 13.73 0.73
N ASP B 175 -12.73 15.02 1.09
CA ASP B 175 -14.09 15.56 1.18
C ASP B 175 -14.75 15.51 -0.20
N ALA B 176 -13.97 15.90 -1.24
CA ALA B 176 -14.39 15.91 -2.65
C ALA B 176 -14.78 14.51 -3.11
N LEU B 177 -13.96 13.48 -2.77
CA LEU B 177 -14.27 12.08 -3.11
C LEU B 177 -15.61 11.63 -2.49
N VAL B 178 -15.78 11.90 -1.17
CA VAL B 178 -17.00 11.60 -0.39
C VAL B 178 -18.18 12.29 -1.10
N TRP B 179 -17.98 13.55 -1.52
CA TRP B 179 -18.99 14.31 -2.27
C TRP B 179 -19.30 13.65 -3.61
N VAL B 180 -18.25 13.18 -4.35
CA VAL B 180 -18.43 12.50 -5.64
C VAL B 180 -19.32 11.25 -5.48
N ILE B 181 -19.06 10.43 -4.44
CA ILE B 181 -19.79 9.22 -4.08
C ILE B 181 -21.24 9.53 -3.71
N ALA B 182 -21.49 10.66 -3.03
CA ALA B 182 -22.85 11.09 -2.63
C ALA B 182 -23.69 11.51 -3.84
N LYS B 183 -23.05 12.10 -4.87
CA LYS B 183 -23.68 12.53 -6.12
C LYS B 183 -24.31 11.37 -6.93
N SER B 184 -23.93 10.11 -6.63
CA SER B 184 -24.46 8.92 -7.30
C SER B 184 -25.84 8.49 -6.76
N GLY B 185 -26.25 9.08 -5.63
CA GLY B 185 -27.55 8.82 -5.01
C GLY B 185 -27.66 7.54 -4.21
N ILE B 186 -26.58 6.75 -4.14
CA ILE B 186 -26.55 5.48 -3.39
C ILE B 186 -26.66 5.67 -1.87
N SER B 187 -27.14 4.61 -1.17
CA SER B 187 -27.33 4.49 0.28
C SER B 187 -26.08 4.90 1.09
N SER B 188 -26.29 5.39 2.33
CA SER B 188 -25.23 5.80 3.26
C SER B 188 -24.26 4.65 3.56
N GLN B 189 -24.80 3.44 3.81
CA GLN B 189 -24.04 2.21 4.05
C GLN B 189 -23.19 1.88 2.81
N GLN B 190 -23.78 2.04 1.60
CA GLN B 190 -23.12 1.76 0.32
C GLN B 190 -22.09 2.84 -0.04
N GLN B 191 -22.29 4.07 0.47
CA GLN B 191 -21.38 5.21 0.30
C GLN B 191 -20.09 4.97 1.11
N SER B 192 -20.26 4.50 2.36
CA SER B 192 -19.15 4.15 3.25
C SER B 192 -18.41 2.95 2.65
N MET B 193 -19.15 1.97 2.11
CA MET B 193 -18.58 0.78 1.50
C MET B 193 -17.79 1.09 0.23
N ARG B 194 -18.31 1.95 -0.66
CA ARG B 194 -17.65 2.38 -1.89
C ARG B 194 -16.36 3.11 -1.56
N LEU B 195 -16.39 4.03 -0.57
CA LEU B 195 -15.21 4.78 -0.11
C LEU B 195 -14.17 3.81 0.40
N ALA B 196 -14.58 2.81 1.20
CA ALA B 196 -13.67 1.80 1.73
C ALA B 196 -13.13 0.91 0.62
N ASN B 197 -14.00 0.50 -0.34
CA ASN B 197 -13.61 -0.31 -1.49
C ASN B 197 -12.58 0.42 -2.35
N LEU B 198 -12.77 1.74 -2.59
CA LEU B 198 -11.79 2.54 -3.38
C LEU B 198 -10.46 2.75 -2.65
N LEU B 199 -10.51 3.07 -1.34
CA LEU B 199 -9.27 3.26 -0.57
C LEU B 199 -8.50 1.96 -0.26
N MET B 200 -9.21 0.81 -0.23
CA MET B 200 -8.56 -0.50 -0.03
C MET B 200 -7.67 -0.85 -1.23
N LEU B 201 -8.07 -0.40 -2.44
CA LEU B 201 -7.26 -0.62 -3.65
C LEU B 201 -5.99 0.26 -3.71
N LEU B 202 -5.92 1.33 -2.87
CA LEU B 202 -4.73 2.19 -2.78
C LEU B 202 -3.52 1.32 -2.41
N SER B 203 -3.73 0.33 -1.48
CA SER B 203 -2.73 -0.63 -1.02
C SER B 203 -2.17 -1.46 -2.17
N HIS B 204 -3.05 -1.78 -3.13
CA HIS B 204 -2.71 -2.56 -4.30
C HIS B 204 -1.87 -1.75 -5.28
N VAL B 205 -2.22 -0.43 -5.43
CA VAL B 205 -1.49 0.53 -6.26
C VAL B 205 -0.09 0.68 -5.66
N ARG B 206 0.02 0.84 -4.33
CA ARG B 206 1.34 0.91 -3.69
C ARG B 206 2.12 -0.39 -3.96
N HIS B 207 1.48 -1.58 -3.81
CA HIS B 207 2.14 -2.87 -4.07
C HIS B 207 2.73 -2.99 -5.48
N ALA B 208 1.95 -2.64 -6.52
CA ALA B 208 2.36 -2.65 -7.92
C ALA B 208 3.50 -1.68 -8.16
N SER B 209 3.44 -0.51 -7.49
CA SER B 209 4.45 0.54 -7.55
C SER B 209 5.75 0.06 -6.94
N ASN B 210 5.68 -0.54 -5.71
CA ASN B 210 6.85 -1.09 -5.02
C ASN B 210 7.54 -2.12 -5.88
N LYS B 211 6.74 -2.95 -6.57
CA LYS B 211 7.20 -3.99 -7.49
C LYS B 211 7.78 -3.40 -8.77
N GLY B 212 7.12 -2.37 -9.32
CA GLY B 212 7.58 -1.67 -10.53
C GLY B 212 8.93 -1.02 -10.32
N MET B 213 9.10 -0.32 -9.18
CA MET B 213 10.35 0.36 -8.81
C MET B 213 11.50 -0.61 -8.54
N GLU B 214 11.22 -1.73 -7.83
CA GLU B 214 12.18 -2.81 -7.58
C GLU B 214 12.68 -3.37 -8.94
N HIS B 215 11.75 -3.54 -9.92
CA HIS B 215 12.06 -4.04 -11.27
C HIS B 215 12.91 -3.07 -12.07
N LEU B 216 12.64 -1.76 -11.91
CA LEU B 216 13.35 -0.69 -12.62
C LEU B 216 14.79 -0.63 -12.13
N LEU B 217 15.00 -0.78 -10.80
CA LEU B 217 16.35 -0.84 -10.22
C LEU B 217 17.05 -2.06 -10.81
N ASN B 218 16.36 -3.22 -10.82
CA ASN B 218 16.84 -4.50 -11.34
C ASN B 218 17.29 -4.41 -12.81
N MET B 219 16.45 -3.79 -13.68
CA MET B 219 16.75 -3.62 -15.11
C MET B 219 17.96 -2.69 -15.34
N LYS B 220 18.17 -1.70 -14.46
CA LYS B 220 19.30 -0.77 -14.53
C LYS B 220 20.57 -1.46 -14.01
N CYS B 221 20.44 -2.29 -12.95
CA CYS B 221 21.54 -3.08 -12.35
C CYS B 221 22.09 -4.07 -13.38
N LYS B 222 21.17 -4.71 -14.15
CA LYS B 222 21.46 -5.68 -15.22
C LYS B 222 21.86 -4.98 -16.54
N ASN B 223 21.72 -3.63 -16.59
CA ASN B 223 22.03 -2.79 -17.74
C ASN B 223 21.19 -3.12 -19.00
N VAL B 224 19.91 -3.42 -18.79
CA VAL B 224 18.93 -3.72 -19.84
C VAL B 224 18.50 -2.37 -20.46
N VAL B 225 18.35 -1.34 -19.59
CA VAL B 225 17.98 0.02 -19.97
C VAL B 225 18.98 1.07 -19.44
N PRO B 226 19.34 2.11 -20.25
CA PRO B 226 20.31 3.09 -19.77
C PRO B 226 19.87 4.04 -18.67
N VAL B 227 20.88 4.63 -17.98
CA VAL B 227 20.81 5.62 -16.91
C VAL B 227 20.04 6.87 -17.43
N TYR B 228 18.81 7.07 -16.92
CA TYR B 228 17.94 8.16 -17.40
C TYR B 228 18.27 9.58 -16.91
N ASP B 229 17.38 10.55 -17.25
CA ASP B 229 17.48 11.97 -16.91
C ASP B 229 16.55 12.27 -15.70
N LEU B 230 15.30 12.72 -15.95
CA LEU B 230 14.33 13.01 -14.90
C LEU B 230 13.75 11.72 -14.28
N LEU B 231 13.71 10.61 -15.05
CA LEU B 231 13.26 9.31 -14.56
C LEU B 231 14.28 8.75 -13.53
N LEU B 232 15.59 8.89 -13.82
CA LEU B 232 16.66 8.45 -12.93
C LEU B 232 16.66 9.24 -11.62
N GLU B 233 16.38 10.56 -11.70
CA GLU B 233 16.30 11.45 -10.53
C GLU B 233 15.25 10.93 -9.54
N MET B 234 14.07 10.55 -10.08
CA MET B 234 12.91 10.01 -9.35
C MET B 234 13.21 8.64 -8.76
N LEU B 235 13.91 7.80 -9.54
CA LEU B 235 14.30 6.45 -9.14
C LEU B 235 15.31 6.51 -7.98
N ASN B 236 16.32 7.41 -8.07
CA ASN B 236 17.36 7.62 -7.07
C ASN B 236 16.82 8.24 -5.76
N ALA B 237 16.83 9.58 -5.64
CA ALA B 237 16.36 10.29 -4.45
C ALA B 237 14.83 10.27 -4.36
N HIS C 2 2.97 -26.43 2.28
CA HIS C 2 3.33 -27.44 3.31
C HIS C 2 2.76 -27.09 4.68
N ILE C 4 1.50 -24.74 6.62
CA ILE C 4 0.27 -23.94 6.59
C ILE C 4 -0.86 -24.82 6.09
N LEU C 5 -0.71 -25.69 5.01
CA LEU C 5 -1.85 -26.62 4.54
C LEU C 5 -2.14 -27.62 5.63
N HIS C 6 -1.12 -28.13 6.39
CA HIS C 6 -1.35 -28.93 7.61
C HIS C 6 -2.03 -28.15 8.72
N LEU C 8 -3.94 -25.33 8.69
CA LEU C 8 -5.27 -24.84 8.20
C LEU C 8 -6.35 -25.90 8.09
N LEU C 9 -5.98 -27.20 7.98
CA LEU C 9 -6.90 -28.35 7.86
C LEU C 9 -6.90 -29.17 9.15
N GLN C 10 -5.85 -29.08 10.05
CA GLN C 10 -5.71 -29.85 11.31
C GLN C 10 -6.10 -28.99 12.50
N ASP C 11 -7.27 -29.26 13.11
CA ASP C 11 -7.91 -28.37 14.10
C ASP C 11 -7.96 -29.10 15.43
N SER C 12 -7.06 -28.81 16.41
CA SER C 12 -7.31 -27.89 17.55
C SER C 12 -7.38 -28.59 18.91
N HIS D 2 17.48 17.59 -7.84
CA HIS D 2 17.96 18.34 -9.06
C HIS D 2 16.84 18.91 -9.97
N ILE D 4 13.61 18.58 -10.69
CA ILE D 4 12.33 18.83 -9.98
C ILE D 4 12.44 20.16 -9.22
N LEU D 5 13.63 20.46 -8.53
CA LEU D 5 13.76 21.78 -7.82
C LEU D 5 13.87 22.84 -8.89
N HIS D 6 14.35 22.64 -10.19
CA HIS D 6 14.08 23.75 -11.17
C HIS D 6 12.65 23.87 -11.56
N LEU D 8 9.71 22.95 -10.02
CA LEU D 8 8.87 23.41 -8.92
C LEU D 8 9.15 24.87 -8.54
N LEU D 9 10.39 25.39 -8.78
CA LEU D 9 10.75 26.77 -8.46
C LEU D 9 10.43 27.83 -9.53
N GLN D 10 9.90 27.50 -10.73
CA GLN D 10 10.18 28.28 -11.96
C GLN D 10 9.00 28.17 -12.90
N ASP D 11 8.26 29.28 -13.11
CA ASP D 11 6.78 29.26 -13.13
C ASP D 11 6.28 29.92 -14.41
N SER D 12 6.48 29.29 -15.59
CA SER D 12 5.40 28.81 -16.48
C SER D 12 5.18 29.70 -17.70
#